data_6UWD
#
_entry.id   6UWD
#
_cell.length_a   118.620
_cell.length_b   118.620
_cell.length_c   62.443
_cell.angle_alpha   90.000
_cell.angle_beta   90.000
_cell.angle_gamma   120.000
#
_symmetry.space_group_name_H-M   'P 32 2 1'
#
loop_
_entity.id
_entity.type
_entity.pdbx_description
1 polymer 'D-glucose O-methyltransferase'
2 non-polymer 'ACETATE ION'
3 non-polymer 'MAGNESIUM ION'
4 water water
#
_entity_poly.entity_id   1
_entity_poly.type   'polypeptide(L)'
_entity_poly.pdbx_seq_one_letter_code
;MTDISQMYDQLSDPFAGLGAGNIHLGYFDGPDDAATLAEAADRLTDQLIARLPVVRDHRVLDVGCGVGKPALRLAGDLGV
RVVGVSISEAQIGIANEAARAAGLADRVSFRYADAMRLPFPDASFDGVWAMESLHHMPDRLQALREIARVLRHGGVLSIA
DFVQLGPVREQDEEALRAFRSGGGVHTLTGIAEYEAEIADAGLTLTSSSDISANVRPSMVRTAEAIRGAADAFLPLMGEE
GLRRLIDNFERAATVPQIGYALFAARRS
;
_entity_poly.pdbx_strand_id   A
#
loop_
_chem_comp.id
_chem_comp.type
_chem_comp.name
_chem_comp.formula
ACT non-polymer 'ACETATE ION' 'C2 H3 O2 -1'
MG non-polymer 'MAGNESIUM ION' 'Mg 2'
#
# COMPACT_ATOMS: atom_id res chain seq x y z
N SER A 12 1.85 16.27 7.53
CA SER A 12 1.14 15.84 8.73
C SER A 12 1.96 14.80 9.49
N ASP A 13 3.29 14.80 9.25
CA ASP A 13 4.24 13.79 9.72
C ASP A 13 3.56 12.43 9.79
N PRO A 14 3.09 11.90 10.94
CA PRO A 14 2.60 10.51 10.90
C PRO A 14 1.39 10.32 10.01
N PHE A 15 0.56 11.34 9.82
CA PHE A 15 -0.61 11.25 8.97
C PHE A 15 -0.34 11.70 7.54
N ALA A 16 0.88 12.13 7.23
CA ALA A 16 1.21 12.52 5.87
C ALA A 16 0.94 11.38 4.91
N GLY A 17 0.21 11.67 3.83
CA GLY A 17 -0.10 10.67 2.83
C GLY A 17 -1.30 9.80 3.12
N LEU A 18 -1.90 9.93 4.29
CA LEU A 18 -3.11 9.20 4.64
C LEU A 18 -4.31 10.13 4.63
N GLY A 19 -5.48 9.57 4.36
CA GLY A 19 -6.71 10.33 4.33
C GLY A 19 -7.53 9.96 3.13
N ALA A 20 -8.55 10.77 2.87
CA ALA A 20 -9.50 10.49 1.78
C ALA A 20 -8.83 10.46 0.42
N GLY A 21 -7.66 11.08 0.28
CA GLY A 21 -6.94 11.12 -0.98
C GLY A 21 -5.84 10.08 -1.12
N ASN A 22 -5.77 9.10 -0.23
CA ASN A 22 -4.77 8.05 -0.31
C ASN A 22 -5.10 7.17 -1.51
N ILE A 23 -4.42 7.41 -2.63
CA ILE A 23 -4.63 6.69 -3.87
C ILE A 23 -3.38 5.86 -4.14
N HIS A 24 -3.58 4.58 -4.46
CA HIS A 24 -2.45 3.70 -4.79
C HIS A 24 -2.27 3.66 -6.31
N LEU A 25 -1.11 3.14 -6.72
CA LEU A 25 -0.68 3.23 -8.11
C LEU A 25 -1.27 2.06 -8.90
N GLY A 26 -0.82 1.90 -10.15
CA GLY A 26 -1.39 0.90 -11.04
C GLY A 26 -0.30 0.18 -11.82
N TYR A 27 -0.71 -0.87 -12.53
CA TYR A 27 0.20 -1.76 -13.23
C TYR A 27 -0.11 -1.72 -14.73
N PHE A 28 0.90 -1.35 -15.52
CA PHE A 28 0.82 -1.36 -16.97
C PHE A 28 1.84 -2.36 -17.52
N ASP A 29 1.49 -2.96 -18.66
CA ASP A 29 2.35 -3.97 -19.31
C ASP A 29 2.85 -3.37 -20.62
N GLY A 30 3.82 -2.47 -20.52
CA GLY A 30 4.43 -1.86 -21.67
C GLY A 30 3.79 -0.54 -22.03
N PRO A 31 4.34 0.13 -23.06
CA PRO A 31 3.75 1.39 -23.53
C PRO A 31 2.57 1.20 -24.47
N ASP A 32 2.23 -0.02 -24.82
CA ASP A 32 1.09 -0.30 -25.70
C ASP A 32 -0.18 -0.56 -24.92
N ASP A 33 -0.14 -0.53 -23.59
CA ASP A 33 -1.23 -1.06 -22.78
C ASP A 33 -2.55 -0.35 -23.08
N ALA A 34 -2.60 0.96 -22.86
CA ALA A 34 -3.80 1.75 -23.09
C ALA A 34 -4.94 1.34 -22.16
N ALA A 35 -4.63 0.75 -21.02
CA ALA A 35 -5.63 0.48 -20.00
C ALA A 35 -5.96 1.77 -19.26
N THR A 36 -7.19 1.86 -18.77
CA THR A 36 -7.58 3.01 -17.98
C THR A 36 -6.86 2.99 -16.64
N LEU A 37 -6.85 4.15 -15.98
CA LEU A 37 -6.22 4.23 -14.66
C LEU A 37 -6.88 3.27 -13.69
N ALA A 38 -8.21 3.14 -13.75
CA ALA A 38 -8.90 2.22 -12.85
C ALA A 38 -8.53 0.77 -13.18
N GLU A 39 -8.41 0.46 -14.47
CA GLU A 39 -8.02 -0.90 -14.84
C GLU A 39 -6.60 -1.20 -14.36
N ALA A 40 -5.67 -0.26 -14.57
CA ALA A 40 -4.32 -0.45 -14.09
C ALA A 40 -4.28 -0.60 -12.57
N ALA A 41 -5.15 0.13 -11.86
CA ALA A 41 -5.18 0.04 -10.41
C ALA A 41 -5.70 -1.31 -9.94
N ASP A 42 -6.76 -1.82 -10.58
CA ASP A 42 -7.24 -3.15 -10.28
C ASP A 42 -6.21 -4.21 -10.63
N ARG A 43 -5.41 -3.97 -11.67
CA ARG A 43 -4.43 -4.97 -12.07
C ARG A 43 -3.31 -5.10 -11.05
N LEU A 44 -2.85 -3.98 -10.48
CA LEU A 44 -1.81 -4.10 -9.46
C LEU A 44 -2.34 -4.82 -8.23
N THR A 45 -3.59 -4.51 -7.82
CA THR A 45 -4.21 -5.26 -6.74
C THR A 45 -4.24 -6.74 -7.05
N ASP A 46 -4.62 -7.11 -8.28
CA ASP A 46 -4.66 -8.51 -8.66
C ASP A 46 -3.28 -9.14 -8.66
N GLN A 47 -2.24 -8.37 -9.01
CA GLN A 47 -0.89 -8.88 -8.90
C GLN A 47 -0.53 -9.21 -7.45
N LEU A 48 -0.96 -8.37 -6.51
CA LEU A 48 -0.65 -8.66 -5.11
C LEU A 48 -1.50 -9.80 -4.57
N ILE A 49 -2.74 -9.92 -5.02
CA ILE A 49 -3.56 -11.07 -4.64
C ILE A 49 -2.89 -12.36 -5.07
N ALA A 50 -2.29 -12.37 -6.27
CA ALA A 50 -1.63 -13.58 -6.75
C ALA A 50 -0.47 -14.00 -5.85
N ARG A 51 0.02 -13.11 -5.00
CA ARG A 51 1.13 -13.42 -4.12
C ARG A 51 0.68 -13.75 -2.70
N LEU A 52 -0.63 -13.85 -2.47
CA LEU A 52 -1.19 -14.18 -1.16
C LEU A 52 -2.01 -15.45 -1.29
N PRO A 53 -1.42 -16.62 -1.04
CA PRO A 53 -2.15 -17.89 -1.25
C PRO A 53 -3.05 -18.27 -0.08
N VAL A 54 -4.13 -17.50 0.08
CA VAL A 54 -5.17 -17.78 1.06
C VAL A 54 -6.40 -18.25 0.30
N VAL A 55 -7.32 -18.89 1.03
CA VAL A 55 -8.54 -19.42 0.45
C VAL A 55 -9.73 -18.96 1.29
N ARG A 56 -10.93 -19.26 0.81
CA ARG A 56 -12.16 -18.83 1.47
C ARG A 56 -12.13 -19.19 2.95
N ASP A 57 -12.55 -18.23 3.78
CA ASP A 57 -12.72 -18.33 5.23
C ASP A 57 -11.38 -18.17 5.97
N HIS A 58 -10.26 -18.07 5.29
CA HIS A 58 -9.04 -17.59 5.92
C HIS A 58 -9.26 -16.15 6.39
N ARG A 59 -8.53 -15.77 7.44
CA ARG A 59 -8.61 -14.45 8.03
C ARG A 59 -7.36 -13.65 7.68
N VAL A 60 -7.56 -12.47 7.10
CA VAL A 60 -6.46 -11.64 6.61
C VAL A 60 -6.49 -10.30 7.34
N LEU A 61 -5.32 -9.85 7.76
CA LEU A 61 -5.13 -8.53 8.33
C LEU A 61 -4.57 -7.60 7.26
N ASP A 62 -5.25 -6.48 7.03
CA ASP A 62 -4.84 -5.50 6.03
C ASP A 62 -4.20 -4.32 6.76
N VAL A 63 -2.87 -4.22 6.66
CA VAL A 63 -2.10 -3.17 7.33
C VAL A 63 -1.98 -1.98 6.41
N GLY A 64 -2.50 -0.83 6.85
CA GLY A 64 -2.58 0.33 5.99
C GLY A 64 -3.65 0.13 4.95
N CYS A 65 -4.91 0.20 5.38
CA CYS A 65 -6.04 -0.16 4.54
C CYS A 65 -6.39 0.87 3.47
N GLY A 66 -5.71 2.02 3.46
CA GLY A 66 -6.12 3.05 2.52
C GLY A 66 -7.59 3.36 2.68
N VAL A 67 -8.30 3.45 1.56
CA VAL A 67 -9.74 3.70 1.63
C VAL A 67 -10.52 2.39 1.52
N GLY A 68 -9.83 1.26 1.66
CA GLY A 68 -10.49 -0.02 1.86
C GLY A 68 -10.82 -0.80 0.60
N LYS A 69 -10.55 -0.26 -0.58
CA LYS A 69 -11.00 -0.93 -1.80
C LYS A 69 -10.22 -2.20 -2.07
N PRO A 70 -8.89 -2.22 -1.89
CA PRO A 70 -8.17 -3.50 -2.10
C PRO A 70 -8.67 -4.60 -1.17
N ALA A 71 -8.92 -4.28 0.11
CA ALA A 71 -9.43 -5.29 1.03
C ALA A 71 -10.76 -5.85 0.55
N LEU A 72 -11.62 -5.00 -0.01
CA LEU A 72 -12.90 -5.47 -0.51
C LEU A 72 -12.72 -6.35 -1.75
N ARG A 73 -11.78 -5.98 -2.64
CA ARG A 73 -11.53 -6.81 -3.81
C ARG A 73 -10.95 -8.16 -3.40
N LEU A 74 -10.05 -8.17 -2.42
CA LEU A 74 -9.48 -9.41 -1.91
C LEU A 74 -10.56 -10.30 -1.33
N ALA A 75 -11.43 -9.73 -0.49
CA ALA A 75 -12.50 -10.50 0.14
C ALA A 75 -13.47 -11.05 -0.90
N GLY A 76 -13.82 -10.24 -1.90
CA GLY A 76 -14.77 -10.68 -2.91
C GLY A 76 -14.19 -11.70 -3.86
N ASP A 77 -12.88 -11.62 -4.12
CA ASP A 77 -12.23 -12.55 -5.02
C ASP A 77 -11.98 -13.90 -4.34
N LEU A 78 -11.33 -13.90 -3.18
CA LEU A 78 -10.93 -15.14 -2.53
C LEU A 78 -11.87 -15.58 -1.41
N GLY A 79 -12.81 -14.74 -1.01
CA GLY A 79 -13.74 -15.13 0.04
C GLY A 79 -13.15 -15.13 1.43
N VAL A 80 -12.08 -14.38 1.65
CA VAL A 80 -11.48 -14.29 2.96
C VAL A 80 -12.23 -13.27 3.81
N ARG A 81 -12.18 -13.45 5.12
CA ARG A 81 -12.55 -12.40 6.05
C ARG A 81 -11.35 -11.47 6.25
N VAL A 82 -11.63 -10.17 6.36
CA VAL A 82 -10.58 -9.16 6.42
C VAL A 82 -10.84 -8.22 7.58
N VAL A 83 -9.80 -7.93 8.36
CA VAL A 83 -9.76 -6.80 9.27
C VAL A 83 -8.67 -5.87 8.74
N GLY A 84 -9.03 -4.64 8.43
CA GLY A 84 -8.08 -3.64 7.97
C GLY A 84 -7.85 -2.61 9.06
N VAL A 85 -6.63 -2.07 9.14
CA VAL A 85 -6.28 -1.13 10.19
C VAL A 85 -5.55 0.07 9.59
N SER A 86 -5.63 1.18 10.32
CA SER A 86 -4.98 2.43 9.96
C SER A 86 -5.00 3.32 11.19
N ILE A 87 -4.13 4.33 11.19
CA ILE A 87 -4.24 5.38 12.22
C ILE A 87 -5.19 6.49 11.79
N SER A 88 -5.64 6.49 10.53
CA SER A 88 -6.48 7.55 10.00
C SER A 88 -7.95 7.20 10.24
N GLU A 89 -8.62 7.98 11.09
CA GLU A 89 -10.05 7.76 11.31
C GLU A 89 -10.85 8.03 10.05
N ALA A 90 -10.38 8.96 9.20
CA ALA A 90 -11.05 9.19 7.92
C ALA A 90 -10.99 7.93 7.05
N GLN A 91 -9.81 7.31 6.95
CA GLN A 91 -9.69 6.09 6.16
C GLN A 91 -10.55 4.97 6.73
N ILE A 92 -10.56 4.83 8.07
CA ILE A 92 -11.37 3.79 8.71
C ILE A 92 -12.84 4.00 8.40
N GLY A 93 -13.32 5.24 8.56
CA GLY A 93 -14.72 5.52 8.29
C GLY A 93 -15.09 5.30 6.84
N ILE A 94 -14.24 5.76 5.91
CA ILE A 94 -14.50 5.55 4.50
C ILE A 94 -14.53 4.06 4.19
N ALA A 95 -13.57 3.31 4.72
CA ALA A 95 -13.47 1.89 4.41
C ALA A 95 -14.68 1.12 4.94
N ASN A 96 -15.10 1.40 6.17
CA ASN A 96 -16.25 0.70 6.74
C ASN A 96 -17.51 0.98 5.93
N GLU A 97 -17.74 2.24 5.54
CA GLU A 97 -18.91 2.55 4.74
C GLU A 97 -18.84 1.87 3.37
N ALA A 98 -17.64 1.78 2.78
CA ALA A 98 -17.50 1.03 1.54
C ALA A 98 -17.85 -0.43 1.73
N ALA A 99 -17.40 -1.04 2.84
CA ALA A 99 -17.74 -2.43 3.11
C ALA A 99 -19.24 -2.60 3.23
N ARG A 100 -19.91 -1.68 3.94
CA ARG A 100 -21.36 -1.73 4.05
C ARG A 100 -22.01 -1.63 2.67
N ALA A 101 -21.55 -0.69 1.85
CA ALA A 101 -22.14 -0.52 0.52
C ALA A 101 -21.95 -1.77 -0.33
N ALA A 102 -20.81 -2.44 -0.19
CA ALA A 102 -20.54 -3.64 -0.96
C ALA A 102 -21.20 -4.89 -0.39
N GLY A 103 -22.01 -4.75 0.65
CA GLY A 103 -22.64 -5.90 1.27
C GLY A 103 -21.70 -6.86 1.93
N LEU A 104 -20.52 -6.41 2.35
CA LEU A 104 -19.51 -7.30 2.93
C LEU A 104 -19.17 -6.93 4.37
N ALA A 105 -20.01 -6.12 5.02
CA ALA A 105 -19.72 -5.67 6.38
C ALA A 105 -19.57 -6.84 7.35
N ASP A 106 -20.23 -7.96 7.09
CA ASP A 106 -20.11 -9.11 7.96
C ASP A 106 -18.80 -9.86 7.75
N ARG A 107 -18.08 -9.60 6.66
CA ARG A 107 -16.81 -10.27 6.39
C ARG A 107 -15.61 -9.33 6.44
N VAL A 108 -15.82 -8.02 6.30
CA VAL A 108 -14.74 -7.04 6.18
C VAL A 108 -15.07 -5.88 7.11
N SER A 109 -14.15 -5.56 8.02
CA SER A 109 -14.32 -4.44 8.92
C SER A 109 -12.98 -3.74 9.09
N PHE A 110 -13.02 -2.49 9.55
CA PHE A 110 -11.83 -1.67 9.72
C PHE A 110 -11.86 -0.99 11.07
N ARG A 111 -10.68 -0.84 11.67
CA ARG A 111 -10.55 -0.27 13.00
C ARG A 111 -9.20 0.41 13.12
N TYR A 112 -9.03 1.14 14.23
CA TYR A 112 -7.78 1.83 14.50
C TYR A 112 -6.70 0.84 14.93
N ALA A 113 -5.48 1.09 14.48
CA ALA A 113 -4.32 0.40 15.03
C ALA A 113 -3.05 1.07 14.54
N ASP A 114 -2.05 1.14 15.42
CA ASP A 114 -0.68 1.47 15.03
C ASP A 114 0.03 0.16 14.69
N ALA A 115 0.45 0.02 13.44
CA ALA A 115 1.03 -1.25 12.98
C ALA A 115 2.20 -1.69 13.84
N MET A 116 2.81 -0.78 14.59
CA MET A 116 3.91 -1.16 15.47
C MET A 116 3.46 -1.75 16.80
N ARG A 117 2.15 -1.68 17.09
CA ARG A 117 1.58 -2.27 18.30
C ARG A 117 0.20 -2.82 17.90
N LEU A 118 0.20 -3.92 17.15
CA LEU A 118 -1.05 -4.47 16.65
C LEU A 118 -1.91 -5.00 17.79
N PRO A 119 -3.18 -4.56 17.91
CA PRO A 119 -4.06 -5.00 19.01
C PRO A 119 -4.73 -6.35 18.75
N PHE A 120 -3.95 -7.34 18.37
CA PHE A 120 -4.43 -8.69 18.13
C PHE A 120 -3.52 -9.70 18.83
N PRO A 121 -4.06 -10.84 19.23
CA PRO A 121 -3.22 -11.85 19.87
C PRO A 121 -2.28 -12.50 18.86
N ASP A 122 -1.34 -13.29 19.40
CA ASP A 122 -0.44 -14.04 18.56
C ASP A 122 -1.22 -15.02 17.68
N ALA A 123 -0.67 -15.28 16.48
CA ALA A 123 -1.16 -16.34 15.61
C ALA A 123 -2.67 -16.26 15.39
N SER A 124 -3.16 -15.06 15.14
CA SER A 124 -4.59 -14.84 14.98
C SER A 124 -5.00 -14.59 13.54
N PHE A 125 -4.08 -14.63 12.58
CA PHE A 125 -4.41 -14.40 11.17
C PHE A 125 -3.75 -15.46 10.31
N ASP A 126 -4.45 -15.86 9.25
CA ASP A 126 -3.87 -16.74 8.25
C ASP A 126 -3.01 -15.98 7.26
N GLY A 127 -3.32 -14.70 7.04
CA GLY A 127 -2.55 -13.90 6.09
C GLY A 127 -2.51 -12.45 6.51
N VAL A 128 -1.53 -11.74 5.95
CA VAL A 128 -1.39 -10.30 6.12
C VAL A 128 -1.19 -9.67 4.75
N TRP A 129 -1.83 -8.53 4.54
CA TRP A 129 -1.84 -7.80 3.27
C TRP A 129 -1.39 -6.38 3.55
N ALA A 130 -0.37 -5.91 2.85
CA ALA A 130 0.20 -4.58 3.08
C ALA A 130 0.51 -3.93 1.73
N MET A 131 -0.45 -3.19 1.19
CA MET A 131 -0.32 -2.59 -0.13
C MET A 131 0.02 -1.12 0.05
N GLU A 132 1.27 -0.77 -0.27
CA GLU A 132 1.70 0.63 -0.28
C GLU A 132 1.51 1.28 1.09
N SER A 133 1.84 0.53 2.14
CA SER A 133 1.55 0.96 3.50
C SER A 133 2.76 0.97 4.41
N LEU A 134 3.67 0.01 4.26
CA LEU A 134 4.76 -0.13 5.22
C LEU A 134 5.73 1.05 5.19
N HIS A 135 5.78 1.80 4.09
CA HIS A 135 6.66 2.97 4.06
C HIS A 135 6.19 4.06 5.02
N HIS A 136 4.95 4.00 5.49
CA HIS A 136 4.46 4.97 6.46
C HIS A 136 5.00 4.73 7.87
N MET A 137 5.60 3.57 8.13
CA MET A 137 6.03 3.28 9.50
C MET A 137 7.47 3.78 9.70
N PRO A 138 7.73 4.59 10.73
CA PRO A 138 9.11 5.03 10.97
C PRO A 138 10.05 3.89 11.33
N ASP A 139 9.53 2.83 11.95
CA ASP A 139 10.31 1.63 12.29
C ASP A 139 9.66 0.47 11.56
N ARG A 140 10.07 0.25 10.30
CA ARG A 140 9.43 -0.77 9.49
C ARG A 140 9.73 -2.17 9.99
N LEU A 141 10.93 -2.40 10.54
CA LEU A 141 11.25 -3.71 11.06
C LEU A 141 10.31 -4.10 12.21
N GLN A 142 10.01 -3.14 13.10
CA GLN A 142 9.07 -3.43 14.18
C GLN A 142 7.70 -3.79 13.62
N ALA A 143 7.26 -3.08 12.58
CA ALA A 143 5.98 -3.43 11.95
C ALA A 143 6.03 -4.85 11.39
N LEU A 144 7.13 -5.22 10.74
CA LEU A 144 7.22 -6.58 10.20
C LEU A 144 7.29 -7.61 11.32
N ARG A 145 7.91 -7.27 12.45
CA ARG A 145 7.92 -8.20 13.58
C ARG A 145 6.51 -8.41 14.11
N GLU A 146 5.73 -7.33 14.22
CA GLU A 146 4.35 -7.45 14.66
C GLU A 146 3.53 -8.29 13.68
N ILE A 147 3.80 -8.13 12.38
CA ILE A 147 3.14 -8.95 11.37
C ILE A 147 3.48 -10.41 11.57
N ALA A 148 4.76 -10.71 11.78
CA ALA A 148 5.16 -12.09 12.02
C ALA A 148 4.53 -12.64 13.29
N ARG A 149 4.29 -11.78 14.29
CA ARG A 149 3.69 -12.24 15.54
C ARG A 149 2.24 -12.64 15.35
N VAL A 150 1.47 -11.85 14.61
CA VAL A 150 0.04 -12.12 14.49
C VAL A 150 -0.25 -13.18 13.43
N LEU A 151 0.68 -13.46 12.55
CA LEU A 151 0.54 -14.59 11.64
C LEU A 151 0.69 -15.89 12.42
N ARG A 152 -0.20 -16.85 12.15
CA ARG A 152 -0.01 -18.20 12.64
C ARG A 152 1.15 -18.86 11.89
N HIS A 153 1.64 -19.97 12.43
CA HIS A 153 2.60 -20.78 11.68
C HIS A 153 1.96 -21.17 10.34
N GLY A 154 2.75 -21.06 9.28
CA GLY A 154 2.20 -21.23 7.94
C GLY A 154 1.47 -20.03 7.41
N GLY A 155 1.36 -18.95 8.18
CA GLY A 155 0.73 -17.74 7.68
C GLY A 155 1.55 -17.10 6.58
N VAL A 156 0.86 -16.35 5.71
CA VAL A 156 1.50 -15.77 4.54
C VAL A 156 1.31 -14.26 4.52
N LEU A 157 2.26 -13.58 3.88
CA LEU A 157 2.30 -12.13 3.79
C LEU A 157 2.53 -11.73 2.34
N SER A 158 1.89 -10.64 1.92
CA SER A 158 2.07 -10.10 0.57
C SER A 158 2.21 -8.59 0.68
N ILE A 159 3.33 -8.07 0.19
CA ILE A 159 3.69 -6.66 0.33
C ILE A 159 3.81 -6.04 -1.04
N ALA A 160 3.22 -4.85 -1.20
CA ALA A 160 3.55 -3.95 -2.30
C ALA A 160 4.10 -2.67 -1.69
N ASP A 161 5.19 -2.14 -2.25
CA ASP A 161 5.73 -0.92 -1.69
C ASP A 161 6.77 -0.32 -2.63
N PHE A 162 7.04 0.97 -2.39
CA PHE A 162 8.13 1.67 -3.05
C PHE A 162 9.47 1.13 -2.57
N VAL A 163 10.45 1.14 -3.48
CA VAL A 163 11.84 0.86 -3.17
C VAL A 163 12.68 1.90 -3.91
N GLN A 164 13.87 2.15 -3.40
CA GLN A 164 14.83 3.04 -4.06
C GLN A 164 15.84 2.18 -4.82
N LEU A 165 15.86 2.33 -6.14
CA LEU A 165 16.69 1.49 -6.99
C LEU A 165 18.17 1.86 -6.95
N GLY A 166 18.50 3.07 -6.50
CA GLY A 166 19.86 3.51 -6.41
C GLY A 166 19.91 4.97 -6.02
N PRO A 167 21.11 5.52 -5.88
CA PRO A 167 21.23 6.94 -5.53
C PRO A 167 20.70 7.85 -6.63
N VAL A 168 20.39 9.07 -6.24
CA VAL A 168 19.69 10.04 -7.08
C VAL A 168 20.68 11.04 -7.62
N ARG A 169 20.52 11.42 -8.89
CA ARG A 169 21.34 12.49 -9.45
C ARG A 169 20.97 13.81 -8.79
N GLU A 170 21.98 14.58 -8.39
CA GLU A 170 21.76 15.71 -7.48
C GLU A 170 20.62 16.62 -7.93
N GLN A 171 20.42 16.78 -9.24
CA GLN A 171 19.34 17.62 -9.73
C GLN A 171 17.96 17.10 -9.34
N ASP A 172 17.86 15.84 -8.90
CA ASP A 172 16.60 15.25 -8.47
C ASP A 172 16.52 15.04 -6.98
N GLU A 173 17.57 15.40 -6.22
CA GLU A 173 17.64 15.03 -4.81
C GLU A 173 16.50 15.67 -4.02
N GLU A 174 16.18 16.93 -4.29
CA GLU A 174 15.15 17.59 -3.48
C GLU A 174 13.75 17.21 -3.94
N ALA A 175 13.58 16.85 -5.22
CA ALA A 175 12.32 16.25 -5.63
C ALA A 175 12.05 14.97 -4.84
N LEU A 176 13.10 14.20 -4.57
CA LEU A 176 12.95 12.99 -3.76
C LEU A 176 12.50 13.33 -2.36
N ARG A 177 13.13 14.32 -1.72
CA ARG A 177 12.74 14.66 -0.36
C ARG A 177 11.32 15.21 -0.33
N ALA A 178 10.94 16.00 -1.34
CA ALA A 178 9.56 16.45 -1.44
C ALA A 178 8.62 15.26 -1.50
N PHE A 179 8.88 14.31 -2.41
CA PHE A 179 8.07 13.11 -2.50
C PHE A 179 7.96 12.41 -1.16
N ARG A 180 9.10 12.25 -0.47
CA ARG A 180 9.10 11.52 0.79
C ARG A 180 8.35 12.29 1.87
N SER A 181 8.65 13.59 2.01
CA SER A 181 7.97 14.40 3.01
C SER A 181 6.48 14.49 2.73
N GLY A 182 6.11 14.79 1.48
CA GLY A 182 4.71 15.01 1.17
C GLY A 182 3.87 13.75 1.26
N GLY A 183 4.45 12.61 0.91
CA GLY A 183 3.73 11.35 0.90
C GLY A 183 3.84 10.52 2.15
N GLY A 184 4.54 11.00 3.17
CA GLY A 184 4.72 10.21 4.38
C GLY A 184 5.55 8.97 4.16
N VAL A 185 6.56 9.06 3.30
CA VAL A 185 7.45 7.92 3.04
C VAL A 185 8.55 7.99 4.10
N HIS A 186 8.20 7.57 5.31
CA HIS A 186 9.14 7.61 6.42
C HIS A 186 10.20 6.52 6.34
N THR A 187 9.93 5.43 5.64
CA THR A 187 10.91 4.38 5.40
C THR A 187 10.95 4.09 3.91
N LEU A 188 12.11 4.31 3.30
CA LEU A 188 12.32 4.03 1.88
C LEU A 188 13.72 3.44 1.74
N THR A 189 13.79 2.17 1.34
CA THR A 189 15.07 1.48 1.21
C THR A 189 15.13 0.78 -0.15
N GLY A 190 16.28 0.17 -0.42
CA GLY A 190 16.42 -0.69 -1.57
C GLY A 190 15.83 -2.06 -1.32
N ILE A 191 15.86 -2.88 -2.37
CA ILE A 191 15.27 -4.22 -2.27
C ILE A 191 16.05 -5.07 -1.28
N ALA A 192 17.37 -4.97 -1.27
CA ALA A 192 18.18 -5.80 -0.38
C ALA A 192 17.81 -5.57 1.07
N GLU A 193 17.70 -4.30 1.49
CA GLU A 193 17.34 -4.02 2.87
C GLU A 193 15.94 -4.54 3.18
N TYR A 194 15.00 -4.35 2.26
CA TYR A 194 13.65 -4.89 2.45
C TYR A 194 13.71 -6.39 2.69
N GLU A 195 14.38 -7.12 1.79
CA GLU A 195 14.45 -8.58 1.94
C GLU A 195 15.15 -8.96 3.25
N ALA A 196 16.15 -8.18 3.65
CA ALA A 196 16.87 -8.47 4.89
C ALA A 196 15.99 -8.25 6.11
N GLU A 197 15.15 -7.22 6.08
CA GLU A 197 14.24 -6.98 7.20
C GLU A 197 13.21 -8.09 7.31
N ILE A 198 12.66 -8.53 6.19
CA ILE A 198 11.70 -9.62 6.19
C ILE A 198 12.29 -10.84 6.87
N ALA A 199 13.52 -11.20 6.52
CA ALA A 199 14.17 -12.35 7.14
C ALA A 199 14.45 -12.10 8.61
N ASP A 200 14.90 -10.88 8.96
CA ASP A 200 15.20 -10.59 10.37
C ASP A 200 13.93 -10.63 11.22
N ALA A 201 12.76 -10.39 10.64
CA ALA A 201 11.51 -10.46 11.36
C ALA A 201 11.02 -11.88 11.57
N GLY A 202 11.77 -12.89 11.13
CA GLY A 202 11.35 -14.26 11.26
C GLY A 202 10.50 -14.79 10.13
N LEU A 203 10.48 -14.11 8.99
CA LEU A 203 9.66 -14.51 7.86
C LEU A 203 10.54 -15.06 6.75
N THR A 204 10.00 -16.02 6.01
CA THR A 204 10.71 -16.71 4.95
C THR A 204 10.24 -16.18 3.61
N LEU A 205 11.11 -15.43 2.94
CA LEU A 205 10.77 -14.88 1.63
C LEU A 205 10.44 -15.98 0.65
N THR A 206 9.30 -15.85 -0.03
CA THR A 206 8.91 -16.82 -1.04
C THR A 206 8.89 -16.27 -2.46
N SER A 207 8.77 -14.95 -2.63
CA SER A 207 8.92 -14.37 -3.96
C SER A 207 9.25 -12.89 -3.84
N SER A 208 9.84 -12.35 -4.91
CA SER A 208 10.30 -10.97 -4.91
C SER A 208 10.34 -10.49 -6.35
N SER A 209 9.53 -9.47 -6.67
CA SER A 209 9.36 -8.99 -8.04
C SER A 209 9.60 -7.49 -8.09
N ASP A 210 10.56 -7.06 -8.91
CA ASP A 210 10.78 -5.65 -9.20
C ASP A 210 9.87 -5.27 -10.36
N ILE A 211 8.82 -4.50 -10.07
CA ILE A 211 7.86 -4.13 -11.11
C ILE A 211 7.89 -2.63 -11.36
N SER A 212 9.04 -2.00 -11.13
CA SER A 212 9.16 -0.56 -11.34
C SER A 212 8.72 -0.17 -12.74
N ALA A 213 9.11 -0.95 -13.76
CA ALA A 213 8.79 -0.58 -15.14
C ALA A 213 7.29 -0.62 -15.40
N ASN A 214 6.55 -1.47 -14.68
CA ASN A 214 5.11 -1.57 -14.91
C ASN A 214 4.33 -0.53 -14.12
N VAL A 215 4.88 -0.03 -13.02
CA VAL A 215 4.15 0.83 -12.10
C VAL A 215 4.45 2.31 -12.32
N ARG A 216 5.69 2.64 -12.66
CA ARG A 216 6.06 4.03 -12.81
C ARG A 216 5.20 4.77 -13.82
N PRO A 217 4.80 4.18 -14.94
CA PRO A 217 3.88 4.90 -15.85
C PRO A 217 2.61 5.39 -15.18
N SER A 218 2.13 4.69 -14.15
CA SER A 218 0.90 5.11 -13.50
C SER A 218 1.07 6.39 -12.70
N MET A 219 2.31 6.81 -12.43
CA MET A 219 2.52 7.98 -11.59
C MET A 219 2.07 9.26 -12.31
N VAL A 220 2.57 9.49 -13.52
CA VAL A 220 2.18 10.69 -14.26
C VAL A 220 0.68 10.65 -14.58
N ARG A 221 0.18 9.47 -14.94
CA ARG A 221 -1.24 9.38 -15.29
C ARG A 221 -2.12 9.64 -14.09
N THR A 222 -1.69 9.23 -12.89
CA THR A 222 -2.47 9.53 -11.69
C THR A 222 -2.45 11.03 -11.39
N ALA A 223 -1.30 11.67 -11.58
CA ALA A 223 -1.24 13.12 -11.43
C ALA A 223 -2.18 13.80 -12.41
N GLU A 224 -2.16 13.35 -13.67
CA GLU A 224 -3.06 13.92 -14.67
C GLU A 224 -4.53 13.76 -14.27
N ALA A 225 -4.89 12.57 -13.78
CA ALA A 225 -6.28 12.32 -13.41
C ALA A 225 -6.73 13.24 -12.27
N ILE A 226 -5.84 13.53 -11.33
CA ILE A 226 -6.19 14.40 -10.21
C ILE A 226 -6.26 15.85 -10.68
N ARG A 227 -5.40 16.24 -11.62
CA ARG A 227 -5.48 17.58 -12.20
C ARG A 227 -6.83 17.79 -12.88
N GLY A 228 -7.23 16.83 -13.72
CA GLY A 228 -8.52 16.93 -14.39
C GLY A 228 -9.71 16.92 -13.46
N ALA A 229 -9.51 16.56 -12.19
CA ALA A 229 -10.58 16.49 -11.20
C ALA A 229 -10.51 17.63 -10.20
N ALA A 230 -9.78 18.70 -10.52
CA ALA A 230 -9.54 19.76 -9.55
C ALA A 230 -10.85 20.29 -8.99
N ASP A 231 -11.78 20.71 -9.87
CA ASP A 231 -13.02 21.31 -9.41
C ASP A 231 -13.68 20.47 -8.32
N ALA A 232 -13.76 19.16 -8.52
CA ALA A 232 -14.55 18.32 -7.63
C ALA A 232 -13.79 17.85 -6.39
N PHE A 233 -12.45 17.85 -6.39
CA PHE A 233 -11.75 17.40 -5.19
C PHE A 233 -11.70 18.47 -4.10
N LEU A 234 -11.76 19.75 -4.46
CA LEU A 234 -11.46 20.79 -3.47
C LEU A 234 -12.37 20.76 -2.24
N PRO A 235 -13.62 20.27 -2.30
CA PRO A 235 -14.35 20.08 -1.03
C PRO A 235 -13.67 19.13 -0.06
N LEU A 236 -13.24 17.96 -0.53
CA LEU A 236 -12.64 16.99 0.38
C LEU A 236 -11.31 17.50 0.93
N MET A 237 -10.49 18.11 0.08
CA MET A 237 -9.19 18.62 0.46
C MET A 237 -9.09 20.07 0.01
N GLY A 238 -8.39 20.88 0.80
CA GLY A 238 -8.22 22.27 0.46
C GLY A 238 -7.47 22.46 -0.85
N GLU A 239 -7.23 23.71 -1.24
CA GLU A 239 -6.41 23.95 -2.43
C GLU A 239 -4.97 23.53 -2.19
N GLU A 240 -4.51 23.58 -0.93
CA GLU A 240 -3.17 23.09 -0.62
C GLU A 240 -3.14 21.57 -0.52
N GLY A 241 -4.20 20.95 0.01
CA GLY A 241 -4.28 19.50 0.01
C GLY A 241 -4.22 18.93 -1.40
N LEU A 242 -5.01 19.48 -2.31
CA LEU A 242 -4.99 18.98 -3.69
C LEU A 242 -3.66 19.26 -4.35
N ARG A 243 -3.04 20.41 -4.03
CA ARG A 243 -1.74 20.71 -4.61
C ARG A 243 -0.69 19.70 -4.16
N ARG A 244 -0.62 19.43 -2.86
CA ARG A 244 0.33 18.44 -2.35
C ARG A 244 0.04 17.06 -2.91
N LEU A 245 -1.25 16.73 -3.11
CA LEU A 245 -1.60 15.46 -3.73
C LEU A 245 -1.03 15.35 -5.13
N ILE A 246 -1.30 16.37 -5.97
CA ILE A 246 -0.78 16.35 -7.32
C ILE A 246 0.74 16.35 -7.32
N ASP A 247 1.35 17.14 -6.42
CA ASP A 247 2.80 17.21 -6.36
C ASP A 247 3.41 15.85 -6.05
N ASN A 248 2.80 15.11 -5.12
CA ASN A 248 3.36 13.81 -4.73
C ASN A 248 3.60 12.92 -5.94
N PHE A 249 2.61 12.83 -6.83
CA PHE A 249 2.73 11.93 -7.97
C PHE A 249 3.62 12.49 -9.07
N GLU A 250 3.62 13.82 -9.26
CA GLU A 250 4.48 14.40 -10.27
C GLU A 250 5.95 14.34 -9.84
N ARG A 251 6.21 14.56 -8.55
CA ARG A 251 7.56 14.35 -8.03
C ARG A 251 8.03 12.94 -8.33
N ALA A 252 7.20 11.94 -8.03
CA ALA A 252 7.56 10.55 -8.24
C ALA A 252 7.91 10.27 -9.69
N ALA A 253 7.17 10.87 -10.61
CA ALA A 253 7.40 10.59 -12.03
C ALA A 253 8.73 11.16 -12.52
N THR A 254 9.28 12.15 -11.84
CA THR A 254 10.51 12.78 -12.31
C THR A 254 11.77 12.06 -11.83
N VAL A 255 11.70 11.34 -10.72
CA VAL A 255 12.86 10.66 -10.14
C VAL A 255 12.82 9.20 -10.59
N PRO A 256 13.68 8.76 -11.51
CA PRO A 256 13.57 7.38 -12.01
C PRO A 256 13.92 6.33 -10.99
N GLN A 257 14.66 6.68 -9.93
CA GLN A 257 15.09 5.70 -8.94
C GLN A 257 13.99 5.31 -7.96
N ILE A 258 12.84 5.98 -7.99
CA ILE A 258 11.71 5.59 -7.14
C ILE A 258 11.04 4.40 -7.83
N GLY A 259 11.34 3.20 -7.35
CA GLY A 259 10.81 1.98 -7.92
C GLY A 259 9.68 1.39 -7.10
N TYR A 260 9.38 0.12 -7.39
CA TYR A 260 8.21 -0.53 -6.82
C TYR A 260 8.42 -2.04 -6.88
N ALA A 261 8.06 -2.73 -5.80
CA ALA A 261 8.31 -4.15 -5.69
C ALA A 261 7.18 -4.85 -4.96
N LEU A 262 7.01 -6.12 -5.28
CA LEU A 262 6.08 -7.01 -4.60
C LEU A 262 6.87 -8.10 -3.90
N PHE A 263 6.55 -8.36 -2.63
CA PHE A 263 7.18 -9.40 -1.85
C PHE A 263 6.13 -10.34 -1.29
N ALA A 264 6.42 -11.63 -1.33
CA ALA A 264 5.63 -12.65 -0.66
C ALA A 264 6.52 -13.36 0.35
N ALA A 265 5.95 -13.70 1.50
CA ALA A 265 6.71 -14.37 2.55
C ALA A 265 5.76 -15.26 3.35
N ARG A 266 6.35 -16.23 4.05
CA ARG A 266 5.62 -17.21 4.83
C ARG A 266 6.28 -17.31 6.20
N ARG A 267 5.46 -17.41 7.25
CA ARG A 267 5.97 -17.71 8.58
C ARG A 267 5.96 -19.22 8.76
N SER A 268 7.13 -19.81 8.98
CA SER A 268 7.24 -21.25 9.13
C SER A 268 6.67 -21.73 10.46
C ACT B . -1.90 3.54 8.09
O ACT B . -1.76 3.71 9.33
OXT ACT B . -2.96 3.55 7.39
CH3 ACT B . -0.61 3.28 7.29
H1 ACT B . -0.16 2.50 7.65
H2 ACT B . -0.03 4.05 7.35
H3 ACT B . -0.84 3.12 6.35
MG MG C . -0.63 6.04 -0.31
#